data_2VN7
#
_entry.id   2VN7
#
_cell.length_a   216.756
_cell.length_b   48.490
_cell.length_c   50.562
_cell.angle_alpha   90.00
_cell.angle_beta   90.49
_cell.angle_gamma   90.00
#
_symmetry.space_group_name_H-M   'C 1 2 1'
#
loop_
_entity.id
_entity.type
_entity.pdbx_description
1 polymer GLUCOAMYLASE
2 branched 2-acetamido-2-deoxy-beta-D-glucopyranose-(1-4)-2-acetamido-2-deoxy-beta-D-glucopyranose
3 non-polymer alpha-D-mannopyranose
4 non-polymer 2-[BIS-(2-HYDROXY-ETHYL)-AMINO]-2-HYDROXYMETHYL-PROPANE-1,3-DIOL
5 non-polymer 'CALCIUM ION'
6 water water
#
_entity_poly.entity_id   1
_entity_poly.type   'polypeptide(L)'
_entity_poly.pdbx_seq_one_letter_code
;SVDDFISTETPIALNNLLCNVGPDGCRAFGTSAGAVIASPSTIDPDYYYMWTRDSALVFKNLIDRFTETYDAGLQRRIEQ
YITAQVTLQGLSNPSGSLADGSGLGEPKFELTLKPFTGNWGRPQRDGPALRAIALIGYSKWLINNNYQSTVSNVIWPIVR
NDLNYVAQYWNQTGFDLWEEVNGSSFFTVANQHRALVEGATLAATLGQSGSAYSSVAPQVLCFLQRFWVSSGGYVDSNIN
TNEGRTGKDVNSVLTSIHTFDPNLGCDAGTFQPCSDKALSNLKVVVDSFRSIYGVNKGIPAGAAVAIGRYAEDVYYNGNP
WYLATFAAAEQLYDAIYVWKKTGSITVTATSLAFFQELVPGVTAGTYSSSSSTFTNIINAVSTYADGFLSEAAKYVPADG
SLAEQFDRNSGTPLSALHLTWSYASFLTATARRAGIVPPSWANSSASTIPSTCSGASVVGSYSRPTATSFPPSQTPKPGV
PSGTPYTPLPCATPTSVAVTFHELVSTQFGQTVKVAGNAAALGNWSTSAAVALDAVNYADNHPLWIGTVNLEAGDVVEYK
YINVGQDGSVTWESDPNHTYTVPAVACVTQVVKEDTWQS
;
_entity_poly.pdbx_strand_id   A
#
loop_
_chem_comp.id
_chem_comp.type
_chem_comp.name
_chem_comp.formula
BTB non-polymer 2-[BIS-(2-HYDROXY-ETHYL)-AMINO]-2-HYDROXYMETHYL-PROPANE-1,3-DIOL 'C8 H19 N O5'
CA non-polymer 'CALCIUM ION' 'Ca 2'
MAN D-saccharide, alpha linking alpha-D-mannopyranose 'C6 H12 O6'
NAG D-saccharide, beta linking 2-acetamido-2-deoxy-beta-D-glucopyranose 'C8 H15 N O6'
#
# COMPACT_ATOMS: atom_id res chain seq x y z
N SER A 1 -15.53 -11.20 20.86
CA SER A 1 -16.45 -11.04 19.70
C SER A 1 -15.77 -10.24 18.59
N VAL A 2 -16.24 -10.43 17.35
CA VAL A 2 -15.69 -9.72 16.20
C VAL A 2 -16.01 -8.24 16.32
N ASP A 3 -17.23 -7.95 16.78
CA ASP A 3 -17.67 -6.57 17.02
C ASP A 3 -16.79 -5.84 18.04
N ASP A 4 -16.45 -6.52 19.14
CA ASP A 4 -15.49 -6.01 20.14
C ASP A 4 -14.14 -5.66 19.51
N PHE A 5 -13.60 -6.58 18.73
CA PHE A 5 -12.33 -6.39 18.04
C PHE A 5 -12.38 -5.14 17.15
N ILE A 6 -13.42 -5.04 16.32
CA ILE A 6 -13.59 -3.87 15.45
C ILE A 6 -13.69 -2.57 16.24
N SER A 7 -14.50 -2.58 17.30
CA SER A 7 -14.70 -1.41 18.17
C SER A 7 -13.36 -0.87 18.68
N THR A 8 -12.60 -1.76 19.32
CA THR A 8 -11.34 -1.42 19.95
C THR A 8 -10.22 -1.11 18.95
N GLU A 9 -10.13 -1.90 17.87
CA GLU A 9 -9.04 -1.75 16.91
C GLU A 9 -9.16 -0.54 15.99
N THR A 10 -10.39 -0.16 15.63
CA THR A 10 -10.60 0.93 14.66
C THR A 10 -9.83 2.22 14.99
N PRO A 11 -10.04 2.80 16.20
CA PRO A 11 -9.32 4.05 16.46
C PRO A 11 -7.81 3.87 16.62
N ILE A 12 -7.37 2.68 17.02
CA ILE A 12 -5.93 2.37 17.11
C ILE A 12 -5.32 2.25 15.72
N ALA A 13 -6.04 1.59 14.81
CA ALA A 13 -5.57 1.45 13.42
C ALA A 13 -5.45 2.78 12.70
N LEU A 14 -6.47 3.65 12.83
CA LEU A 14 -6.43 4.98 12.20
C LEU A 14 -5.27 5.83 12.75
N ASN A 15 -5.15 5.86 14.07
CA ASN A 15 -4.05 6.54 14.73
C ASN A 15 -2.70 6.06 14.20
N ASN A 16 -2.51 4.74 14.22
CA ASN A 16 -1.22 4.19 13.82
C ASN A 16 -0.94 4.40 12.35
N LEU A 17 -1.98 4.31 11.52
CA LEU A 17 -1.85 4.66 10.12
C LEU A 17 -1.30 6.10 9.96
N LEU A 18 -1.95 7.05 10.64
CA LEU A 18 -1.58 8.47 10.52
C LEU A 18 -0.23 8.83 11.18
N CYS A 19 0.22 8.01 12.14
CA CYS A 19 1.57 8.15 12.72
C CYS A 19 2.68 7.89 11.71
N ASN A 20 2.32 7.28 10.60
CA ASN A 20 3.27 6.89 9.58
C ASN A 20 3.30 7.87 8.40
N VAL A 21 2.52 8.95 8.53
CA VAL A 21 2.45 9.99 7.49
C VAL A 21 3.19 11.26 7.93
N GLY A 22 4.12 11.71 7.08
CA GLY A 22 4.89 12.93 7.33
C GLY A 22 4.04 14.19 7.20
N PRO A 23 4.56 15.34 7.70
CA PRO A 23 5.86 15.48 8.36
C PRO A 23 5.79 15.28 9.87
N ASP A 24 4.58 15.11 10.39
CA ASP A 24 4.33 15.25 11.82
C ASP A 24 3.77 13.99 12.49
N GLY A 25 3.53 12.94 11.70
CA GLY A 25 3.03 11.67 12.26
C GLY A 25 3.99 11.17 13.33
N CYS A 26 3.44 10.56 14.37
CA CYS A 26 4.20 10.24 15.59
C CYS A 26 5.40 9.28 15.39
N ARG A 27 5.34 8.44 14.34
CA ARG A 27 6.43 7.51 14.03
C ARG A 27 7.12 7.90 12.71
N ALA A 28 6.61 8.95 12.08
CA ALA A 28 7.21 9.52 10.87
C ALA A 28 7.52 11.02 11.04
N PHE A 29 8.05 11.37 12.21
CA PHE A 29 8.32 12.77 12.53
C PHE A 29 9.60 13.28 11.88
N GLY A 30 9.48 14.33 11.08
CA GLY A 30 10.64 14.88 10.37
C GLY A 30 10.82 14.35 8.96
N THR A 31 9.96 13.41 8.55
CA THR A 31 9.96 12.95 7.16
C THR A 31 9.33 14.06 6.32
N SER A 32 9.60 14.04 5.01
CA SER A 32 9.02 15.00 4.08
C SER A 32 7.50 15.06 4.28
N ALA A 33 6.93 16.25 4.13
CA ALA A 33 5.47 16.43 4.27
C ALA A 33 4.76 15.66 3.15
N GLY A 34 3.70 14.94 3.53
CA GLY A 34 3.01 14.07 2.59
C GLY A 34 3.56 12.66 2.44
N ALA A 35 4.79 12.46 2.90
CA ALA A 35 5.44 11.14 2.84
C ALA A 35 4.72 10.07 3.66
N VAL A 36 4.75 8.84 3.17
CA VAL A 36 4.21 7.70 3.89
C VAL A 36 5.34 6.70 4.04
N ILE A 37 5.77 6.49 5.28
CA ILE A 37 6.74 5.43 5.56
C ILE A 37 5.97 4.11 5.46
N ALA A 38 6.55 3.10 4.82
CA ALA A 38 5.93 1.77 4.80
C ALA A 38 5.88 1.19 6.23
N SER A 39 6.92 1.50 7.00
CA SER A 39 7.05 1.11 8.40
C SER A 39 8.14 1.97 9.07
N PRO A 40 8.01 2.22 10.39
CA PRO A 40 9.11 2.85 11.13
C PRO A 40 10.35 1.94 11.31
N SER A 41 10.23 0.65 10.98
CA SER A 41 11.34 -0.29 11.12
C SER A 41 12.52 0.11 10.26
N THR A 42 13.66 0.30 10.92
CA THR A 42 14.90 0.77 10.29
C THR A 42 15.95 -0.33 10.09
N ILE A 43 15.77 -1.45 10.80
CA ILE A 43 16.65 -2.62 10.70
C ILE A 43 15.86 -3.91 10.95
N ASP A 44 16.18 -4.95 10.20
CA ASP A 44 15.53 -6.27 10.31
C ASP A 44 14.00 -6.19 10.48
N PRO A 45 13.29 -5.70 9.44
CA PRO A 45 13.79 -5.18 8.18
C PRO A 45 13.92 -3.65 8.15
N ASP A 46 14.58 -3.14 7.12
CA ASP A 46 14.66 -1.71 6.84
C ASP A 46 13.54 -1.32 5.86
N TYR A 47 12.42 -0.83 6.41
CA TYR A 47 11.29 -0.37 5.59
C TYR A 47 11.11 1.15 5.62
N TYR A 48 12.12 1.85 6.13
CA TYR A 48 12.05 3.29 6.28
C TYR A 48 12.26 3.99 4.93
N TYR A 49 11.28 3.81 4.04
CA TYR A 49 11.25 4.38 2.69
C TYR A 49 9.83 4.75 2.33
N MET A 50 9.68 5.47 1.23
CA MET A 50 8.37 5.77 0.69
C MET A 50 8.14 4.95 -0.58
N TRP A 51 7.14 4.07 -0.55
CA TRP A 51 6.79 3.31 -1.74
C TRP A 51 5.65 4.02 -2.44
N THR A 52 5.74 4.12 -3.77
CA THR A 52 4.64 4.67 -4.55
C THR A 52 3.35 3.87 -4.31
N ARG A 53 3.46 2.53 -4.31
CA ARG A 53 2.30 1.65 -4.05
C ARG A 53 1.70 1.85 -2.66
N ASP A 54 2.51 1.65 -1.61
CA ASP A 54 1.99 1.69 -0.25
C ASP A 54 1.32 3.04 0.05
N SER A 55 1.97 4.12 -0.34
CA SER A 55 1.44 5.48 -0.13
C SER A 55 0.14 5.72 -0.89
N ALA A 56 0.09 5.31 -2.16
CA ALA A 56 -1.14 5.42 -2.95
C ALA A 56 -2.29 4.55 -2.41
N LEU A 57 -1.99 3.37 -1.86
CA LEU A 57 -3.06 2.53 -1.30
C LEU A 57 -3.55 3.11 0.03
N VAL A 58 -2.63 3.63 0.83
CA VAL A 58 -2.99 4.21 2.14
C VAL A 58 -3.82 5.46 1.92
N PHE A 59 -3.39 6.30 0.99
CA PHE A 59 -4.12 7.54 0.74
C PHE A 59 -5.41 7.35 0.01
N LYS A 60 -5.54 6.27 -0.78
CA LYS A 60 -6.86 5.92 -1.31
C LYS A 60 -7.83 5.61 -0.17
N ASN A 61 -7.40 4.87 0.85
CA ASN A 61 -8.25 4.66 2.03
C ASN A 61 -8.62 5.98 2.72
N LEU A 62 -7.62 6.84 2.91
CA LEU A 62 -7.82 8.11 3.60
C LEU A 62 -8.69 9.06 2.77
N ILE A 63 -8.42 9.13 1.47
CA ILE A 63 -9.26 9.92 0.56
C ILE A 63 -10.72 9.45 0.59
N ASP A 64 -10.92 8.14 0.65
CA ASP A 64 -12.28 7.57 0.74
C ASP A 64 -12.97 7.94 2.07
N ARG A 65 -12.20 7.90 3.15
CA ARG A 65 -12.69 8.33 4.47
C ARG A 65 -13.05 9.82 4.46
N PHE A 66 -12.18 10.63 3.86
CA PHE A 66 -12.35 12.08 3.71
C PHE A 66 -13.60 12.40 2.91
N THR A 67 -13.83 11.62 1.86
CA THR A 67 -15.04 11.69 1.06
C THR A 67 -16.31 11.37 1.84
N GLU A 68 -16.29 10.32 2.67
CA GLU A 68 -17.44 9.98 3.52
C GLU A 68 -17.75 11.08 4.54
N THR A 69 -16.71 11.67 5.12
CA THR A 69 -16.86 12.80 6.08
C THR A 69 -15.68 13.77 5.97
N TYR A 70 -15.98 15.04 5.63
CA TYR A 70 -14.93 16.05 5.52
C TYR A 70 -14.15 16.17 6.83
N ASP A 71 -12.82 16.16 6.69
CA ASP A 71 -11.89 16.22 7.80
C ASP A 71 -10.75 17.06 7.28
N ALA A 72 -10.60 18.27 7.84
CA ALA A 72 -9.59 19.23 7.41
C ALA A 72 -8.17 18.77 7.69
N GLY A 73 -8.00 17.91 8.69
CA GLY A 73 -6.70 17.30 8.99
C GLY A 73 -6.30 16.31 7.91
N LEU A 74 -7.22 15.42 7.55
CA LEU A 74 -7.01 14.53 6.41
C LEU A 74 -6.69 15.34 5.14
N GLN A 75 -7.52 16.35 4.83
CA GLN A 75 -7.30 17.18 3.64
C GLN A 75 -5.89 17.74 3.59
N ARG A 76 -5.43 18.27 4.73
CA ARG A 76 -4.07 18.79 4.83
C ARG A 76 -3.08 17.70 4.47
N ARG A 77 -3.30 16.49 4.99
CA ARG A 77 -2.42 15.36 4.70
C ARG A 77 -2.50 14.96 3.21
N ILE A 78 -3.73 14.90 2.69
CA ILE A 78 -3.93 14.59 1.26
C ILE A 78 -3.22 15.59 0.36
N GLU A 79 -3.38 16.88 0.65
CA GLU A 79 -2.77 17.93 -0.16
C GLU A 79 -1.27 17.79 -0.13
N GLN A 80 -0.73 17.47 1.05
CA GLN A 80 0.71 17.29 1.24
C GLN A 80 1.26 16.09 0.46
N TYR A 81 0.50 15.00 0.50
CA TYR A 81 0.84 13.80 -0.27
C TYR A 81 0.86 14.10 -1.77
N ILE A 82 -0.12 14.86 -2.23
CA ILE A 82 -0.21 15.22 -3.65
C ILE A 82 0.96 16.12 -4.09
N THR A 83 1.26 17.19 -3.36
CA THR A 83 2.37 18.08 -3.74
C THR A 83 3.76 17.40 -3.70
N ALA A 84 3.95 16.46 -2.78
CA ALA A 84 5.19 15.67 -2.75
C ALA A 84 5.42 14.91 -4.05
N GLN A 85 4.32 14.59 -4.74
CA GLN A 85 4.39 13.86 -6.01
C GLN A 85 5.00 14.71 -7.12
N VAL A 86 4.83 16.03 -7.01
CA VAL A 86 5.48 16.97 -7.95
C VAL A 86 6.98 16.78 -7.87
N THR A 87 7.51 16.68 -6.65
CA THR A 87 8.94 16.47 -6.42
C THR A 87 9.40 15.10 -6.93
N LEU A 88 8.70 14.05 -6.51
CA LEU A 88 9.04 12.67 -6.88
C LEU A 88 8.99 12.41 -8.38
N GLN A 89 7.92 12.87 -9.03
CA GLN A 89 7.80 12.76 -10.50
C GLN A 89 8.97 13.37 -11.25
N GLY A 90 9.47 14.50 -10.75
CA GLY A 90 10.58 15.22 -11.41
C GLY A 90 11.94 14.56 -11.27
N LEU A 91 12.05 13.60 -10.34
CA LEU A 91 13.35 13.00 -10.03
C LEU A 91 13.86 12.02 -11.07
N SER A 92 15.08 12.27 -11.55
CA SER A 92 15.80 11.21 -12.21
C SER A 92 16.16 10.21 -11.12
N ASN A 93 15.96 8.94 -11.45
CA ASN A 93 16.18 7.86 -10.52
C ASN A 93 16.69 6.68 -11.35
N PRO A 94 17.08 5.57 -10.72
CA PRO A 94 17.59 4.45 -11.53
C PRO A 94 16.60 3.82 -12.52
N SER A 95 15.29 4.09 -12.38
CA SER A 95 14.32 3.62 -13.38
C SER A 95 14.35 4.52 -14.64
N GLY A 96 14.76 5.76 -14.46
CA GLY A 96 14.93 6.70 -15.56
C GLY A 96 14.52 8.11 -15.16
N SER A 97 14.11 8.89 -16.16
CA SER A 97 13.75 10.29 -15.94
C SER A 97 12.27 10.53 -16.25
N LEU A 98 11.78 11.71 -15.92
CA LEU A 98 10.41 12.10 -16.22
C LEU A 98 10.21 12.31 -17.73
N ALA A 99 11.26 12.76 -18.41
CA ALA A 99 11.17 13.21 -19.81
C ALA A 99 10.60 12.16 -20.79
N ASP A 100 11.06 10.91 -20.68
CA ASP A 100 10.49 9.80 -21.43
C ASP A 100 9.50 8.94 -20.60
N GLY A 101 9.23 9.35 -19.37
CA GLY A 101 8.26 8.68 -18.52
C GLY A 101 8.79 7.54 -17.66
N SER A 102 9.91 6.97 -18.07
CA SER A 102 10.46 5.75 -17.42
C SER A 102 10.71 5.88 -15.91
N GLY A 103 11.10 7.08 -15.46
CA GLY A 103 11.38 7.31 -14.04
C GLY A 103 10.18 7.13 -13.11
N LEU A 104 8.97 7.10 -13.69
CA LEU A 104 7.73 7.06 -12.89
C LEU A 104 7.42 5.67 -12.36
N GLY A 105 8.06 4.67 -12.95
CA GLY A 105 7.96 3.27 -12.52
C GLY A 105 8.89 2.88 -11.39
N GLU A 106 9.68 3.84 -10.90
CA GLU A 106 10.48 3.63 -9.70
C GLU A 106 9.62 3.23 -8.50
N PRO A 107 9.92 2.07 -7.86
CA PRO A 107 9.13 1.57 -6.71
C PRO A 107 9.13 2.44 -5.43
N LYS A 108 10.31 2.91 -5.04
CA LYS A 108 10.45 3.58 -3.74
C LYS A 108 11.52 4.68 -3.74
N PHE A 109 11.39 5.56 -2.75
CA PHE A 109 12.26 6.73 -2.61
C PHE A 109 12.70 6.90 -1.16
N GLU A 110 13.82 7.61 -0.97
CA GLU A 110 14.18 8.07 0.37
C GLU A 110 13.07 8.98 0.90
N LEU A 111 12.90 9.02 2.23
CA LEU A 111 11.87 9.86 2.81
C LEU A 111 12.25 11.34 2.89
N THR A 112 13.46 11.64 2.41
CA THR A 112 13.90 13.00 2.13
C THR A 112 13.39 13.46 0.75
N LEU A 113 12.60 12.60 0.10
CA LEU A 113 12.16 12.75 -1.31
C LEU A 113 13.32 12.82 -2.28
N LYS A 114 14.22 11.85 -2.14
CA LYS A 114 15.39 11.71 -2.98
C LYS A 114 15.41 10.30 -3.57
N PRO A 115 16.10 10.12 -4.70
CA PRO A 115 16.28 8.80 -5.32
C PRO A 115 16.89 7.74 -4.39
N PHE A 116 16.23 6.57 -4.35
CA PHE A 116 16.83 5.36 -3.79
C PHE A 116 17.78 4.82 -4.84
N THR A 117 19.07 4.77 -4.51
CA THR A 117 20.08 4.44 -5.52
C THR A 117 20.53 2.98 -5.53
N GLY A 118 20.14 2.22 -4.52
CA GLY A 118 20.49 0.80 -4.45
C GLY A 118 19.85 -0.06 -5.52
N ASN A 119 20.40 -1.24 -5.76
CA ASN A 119 19.76 -2.25 -6.61
C ASN A 119 18.41 -2.64 -6.03
N TRP A 120 17.41 -2.82 -6.90
CA TRP A 120 16.05 -3.12 -6.46
C TRP A 120 15.26 -3.77 -7.59
N GLY A 121 14.13 -4.39 -7.24
CA GLY A 121 13.20 -4.91 -8.24
C GLY A 121 12.45 -3.80 -8.96
N ARG A 122 13.11 -3.18 -9.94
CA ARG A 122 12.54 -2.07 -10.70
C ARG A 122 12.46 -2.40 -12.20
N PRO A 123 11.54 -1.75 -12.94
CA PRO A 123 10.45 -0.88 -12.47
C PRO A 123 9.29 -1.71 -11.92
N GLN A 124 8.37 -1.04 -11.23
CA GLN A 124 7.09 -1.64 -10.82
C GLN A 124 6.00 -0.75 -11.39
N ARG A 125 5.34 -1.26 -12.42
CA ARG A 125 4.47 -0.45 -13.27
C ARG A 125 3.07 -0.25 -12.69
N ASP A 126 2.85 -0.77 -11.48
CA ASP A 126 1.60 -0.53 -10.75
C ASP A 126 1.54 0.86 -10.09
N GLY A 127 2.70 1.40 -9.73
CA GLY A 127 2.79 2.67 -9.00
C GLY A 127 2.03 3.84 -9.62
N PRO A 128 2.42 4.25 -10.84
CA PRO A 128 1.66 5.31 -11.52
C PRO A 128 0.16 5.06 -11.56
N ALA A 129 -0.25 3.81 -11.82
CA ALA A 129 -1.67 3.44 -11.79
C ALA A 129 -2.35 3.74 -10.45
N LEU A 130 -1.76 3.25 -9.36
CA LEU A 130 -2.32 3.46 -8.02
C LEU A 130 -2.31 4.93 -7.61
N ARG A 131 -1.23 5.64 -7.96
CA ARG A 131 -1.11 7.06 -7.64
C ARG A 131 -2.19 7.83 -8.40
N ALA A 132 -2.36 7.51 -9.69
CA ALA A 132 -3.41 8.14 -10.49
C ALA A 132 -4.77 7.91 -9.86
N ILE A 133 -5.07 6.66 -9.48
CA ILE A 133 -6.36 6.33 -8.85
C ILE A 133 -6.57 7.15 -7.58
N ALA A 134 -5.51 7.35 -6.79
CA ALA A 134 -5.61 8.11 -5.54
C ALA A 134 -5.93 9.59 -5.83
N LEU A 135 -5.14 10.20 -6.72
CA LEU A 135 -5.29 11.62 -7.06
C LEU A 135 -6.56 11.94 -7.84
N ILE A 136 -6.99 11.03 -8.71
CA ILE A 136 -8.31 11.12 -9.34
C ILE A 136 -9.39 11.08 -8.27
N GLY A 137 -9.20 10.23 -7.26
CA GLY A 137 -10.13 10.14 -6.13
C GLY A 137 -10.33 11.46 -5.41
N TYR A 138 -9.25 12.19 -5.14
CA TYR A 138 -9.37 13.51 -4.51
C TYR A 138 -9.87 14.57 -5.51
N SER A 139 -9.46 14.44 -6.77
CA SER A 139 -9.94 15.32 -7.85
C SER A 139 -11.46 15.36 -7.95
N LYS A 140 -12.08 14.18 -7.85
CA LYS A 140 -13.53 14.08 -7.93
C LYS A 140 -14.19 14.84 -6.79
N TRP A 141 -13.53 14.84 -5.63
CA TRP A 141 -13.98 15.62 -4.48
C TRP A 141 -13.88 17.10 -4.78
N LEU A 142 -12.69 17.53 -5.20
CA LEU A 142 -12.43 18.93 -5.52
C LEU A 142 -13.39 19.44 -6.59
N ILE A 143 -13.55 18.68 -7.67
CA ILE A 143 -14.52 19.03 -8.73
C ILE A 143 -15.94 19.13 -8.17
N ASN A 144 -16.37 18.12 -7.41
CA ASN A 144 -17.71 18.13 -6.82
C ASN A 144 -17.93 19.17 -5.71
N ASN A 145 -16.88 19.90 -5.33
CA ASN A 145 -17.00 20.95 -4.32
C ASN A 145 -16.57 22.33 -4.84
N ASN A 146 -16.49 22.44 -6.17
CA ASN A 146 -16.26 23.68 -6.92
C ASN A 146 -14.81 24.14 -6.92
N TYR A 147 -13.90 23.17 -6.93
CA TYR A 147 -12.48 23.49 -7.00
C TYR A 147 -11.82 22.90 -8.23
N GLN A 148 -12.62 22.64 -9.27
CA GLN A 148 -12.09 22.05 -10.50
C GLN A 148 -10.86 22.78 -11.02
N SER A 149 -10.85 24.11 -10.84
CA SER A 149 -9.71 24.93 -11.19
C SER A 149 -8.40 24.45 -10.54
N THR A 150 -8.50 24.00 -9.29
CA THR A 150 -7.34 23.48 -8.55
C THR A 150 -6.87 22.13 -9.11
N VAL A 151 -7.82 21.28 -9.46
CA VAL A 151 -7.56 20.03 -10.19
C VAL A 151 -6.75 20.29 -11.46
N SER A 152 -7.23 21.21 -12.31
CA SER A 152 -6.56 21.50 -13.59
C SER A 152 -5.18 22.10 -13.36
N ASN A 153 -5.07 22.96 -12.34
CA ASN A 153 -3.84 23.67 -12.04
C ASN A 153 -2.78 22.82 -11.35
N VAL A 154 -3.18 22.18 -10.25
CA VAL A 154 -2.24 21.44 -9.39
C VAL A 154 -2.19 19.93 -9.70
N ILE A 155 -3.36 19.29 -9.68
CA ILE A 155 -3.47 17.83 -9.77
C ILE A 155 -3.32 17.25 -11.19
N TRP A 156 -4.09 17.75 -12.15
CA TRP A 156 -4.12 17.16 -13.50
C TRP A 156 -2.73 16.88 -14.13
N PRO A 157 -1.79 17.87 -14.08
CA PRO A 157 -0.47 17.59 -14.65
C PRO A 157 0.24 16.38 -14.02
N ILE A 158 -0.06 16.09 -12.75
CA ILE A 158 0.48 14.91 -12.05
C ILE A 158 -0.20 13.66 -12.61
N VAL A 159 -1.52 13.62 -12.52
CA VAL A 159 -2.32 12.50 -13.02
C VAL A 159 -1.99 12.20 -14.48
N ARG A 160 -1.90 13.23 -15.31
CA ARG A 160 -1.60 13.10 -16.74
C ARG A 160 -0.27 12.40 -17.00
N ASN A 161 0.77 12.72 -16.21
CA ASN A 161 2.04 12.03 -16.31
C ASN A 161 1.93 10.52 -16.03
N ASP A 162 1.18 10.19 -15.00
CA ASP A 162 0.98 8.79 -14.58
C ASP A 162 0.11 8.02 -15.57
N LEU A 163 -0.94 8.66 -16.06
CA LEU A 163 -1.81 8.07 -17.06
C LEU A 163 -1.08 7.80 -18.37
N ASN A 164 -0.24 8.76 -18.78
CA ASN A 164 0.60 8.58 -19.96
C ASN A 164 1.56 7.43 -19.76
N TYR A 165 2.14 7.34 -18.56
CA TYR A 165 3.02 6.22 -18.21
C TYR A 165 2.32 4.88 -18.43
N VAL A 166 1.12 4.74 -17.86
CA VAL A 166 0.36 3.49 -17.97
C VAL A 166 0.07 3.18 -19.45
N ALA A 167 -0.44 4.18 -20.16
CA ALA A 167 -0.80 4.03 -21.58
C ALA A 167 0.40 3.68 -22.45
N GLN A 168 1.58 4.11 -22.03
CA GLN A 168 2.81 3.85 -22.78
C GLN A 168 3.48 2.55 -22.41
N TYR A 169 3.54 2.25 -21.12
CA TYR A 169 4.38 1.16 -20.58
C TYR A 169 3.66 -0.09 -20.05
N TRP A 170 2.33 -0.13 -20.12
CA TRP A 170 1.56 -1.25 -19.56
C TRP A 170 1.95 -2.60 -20.17
N ASN A 171 2.32 -2.57 -21.45
CA ASN A 171 2.56 -3.80 -22.20
C ASN A 171 4.04 -4.22 -22.18
N GLN A 172 4.73 -3.82 -21.11
CA GLN A 172 6.11 -4.22 -20.85
C GLN A 172 6.22 -4.87 -19.48
N THR A 173 7.11 -5.85 -19.35
CA THR A 173 7.30 -6.54 -18.08
C THR A 173 7.88 -5.62 -17.01
N GLY A 174 7.71 -6.01 -15.75
CA GLY A 174 8.23 -5.31 -14.61
C GLY A 174 8.06 -6.20 -13.38
N PHE A 175 8.46 -5.70 -12.23
CA PHE A 175 8.34 -6.48 -11.00
C PHE A 175 6.94 -6.39 -10.43
N ASP A 176 6.54 -7.46 -9.77
CA ASP A 176 5.23 -7.57 -9.15
C ASP A 176 5.20 -6.77 -7.85
N LEU A 177 4.03 -6.74 -7.21
CA LEU A 177 3.88 -5.95 -5.99
C LEU A 177 4.72 -6.46 -4.81
N TRP A 178 5.16 -7.72 -4.86
CA TRP A 178 6.09 -8.25 -3.84
C TRP A 178 7.57 -8.01 -4.21
N GLU A 179 7.77 -7.32 -5.32
CA GLU A 179 9.10 -6.82 -5.71
C GLU A 179 10.07 -7.95 -6.06
N GLU A 180 9.52 -9.05 -6.54
CA GLU A 180 10.27 -10.32 -6.65
C GLU A 180 10.26 -10.92 -8.04
N VAL A 181 9.11 -10.85 -8.70
CA VAL A 181 8.90 -11.54 -9.97
C VAL A 181 8.84 -10.55 -11.13
N ASN A 182 9.81 -10.66 -12.05
CA ASN A 182 9.87 -9.81 -13.22
C ASN A 182 9.04 -10.46 -14.33
N GLY A 183 7.91 -9.83 -14.68
CA GLY A 183 7.03 -10.35 -15.71
C GLY A 183 5.80 -9.49 -15.88
N SER A 184 4.65 -10.15 -16.05
CA SER A 184 3.35 -9.46 -16.14
C SER A 184 2.57 -9.91 -14.94
N SER A 185 2.07 -8.95 -14.17
CA SER A 185 1.44 -9.25 -12.88
C SER A 185 -0.03 -8.84 -12.87
N PHE A 186 -0.87 -9.72 -12.33
CA PHE A 186 -2.33 -9.52 -12.30
C PHE A 186 -2.75 -8.18 -11.68
N PHE A 187 -2.35 -7.96 -10.42
CA PHE A 187 -2.58 -6.71 -9.67
C PHE A 187 -2.17 -5.49 -10.49
N THR A 188 -1.00 -5.58 -11.11
CA THR A 188 -0.45 -4.49 -11.91
C THR A 188 -1.32 -4.16 -13.12
N VAL A 189 -1.65 -5.18 -13.93
CA VAL A 189 -2.49 -5.02 -15.12
C VAL A 189 -3.90 -4.50 -14.76
N ALA A 190 -4.52 -5.12 -13.76
CA ALA A 190 -5.89 -4.76 -13.38
C ALA A 190 -6.01 -3.29 -12.94
N ASN A 191 -5.06 -2.84 -12.13
CA ASN A 191 -5.06 -1.45 -11.65
C ASN A 191 -4.68 -0.48 -12.75
N GLN A 192 -3.82 -0.91 -13.67
CA GLN A 192 -3.52 -0.15 -14.87
C GLN A 192 -4.78 0.09 -15.72
N HIS A 193 -5.59 -0.97 -15.89
CA HIS A 193 -6.89 -0.84 -16.55
C HIS A 193 -7.80 0.15 -15.81
N ARG A 194 -7.94 -0.04 -14.51
CA ARG A 194 -8.77 0.85 -13.69
C ARG A 194 -8.36 2.32 -13.87
N ALA A 195 -7.06 2.58 -13.75
CA ALA A 195 -6.49 3.92 -13.86
C ALA A 195 -6.83 4.59 -15.19
N LEU A 196 -6.71 3.84 -16.29
CA LEU A 196 -7.02 4.35 -17.62
C LEU A 196 -8.50 4.70 -17.78
N VAL A 197 -9.37 3.83 -17.28
CA VAL A 197 -10.81 4.08 -17.28
C VAL A 197 -11.13 5.36 -16.52
N GLU A 198 -10.66 5.44 -15.28
CA GLU A 198 -10.87 6.61 -14.43
C GLU A 198 -10.26 7.89 -14.98
N GLY A 199 -9.08 7.74 -15.56
CA GLY A 199 -8.33 8.85 -16.16
C GLY A 199 -8.96 9.41 -17.42
N ALA A 200 -9.60 8.54 -18.21
CA ALA A 200 -10.34 8.99 -19.39
C ALA A 200 -11.58 9.77 -18.96
N THR A 201 -12.26 9.29 -17.90
CA THR A 201 -13.40 9.99 -17.32
C THR A 201 -12.98 11.38 -16.76
N LEU A 202 -11.90 11.43 -15.98
CA LEU A 202 -11.41 12.72 -15.45
C LEU A 202 -11.03 13.69 -16.57
N ALA A 203 -10.34 13.19 -17.59
CA ALA A 203 -9.96 14.01 -18.72
C ALA A 203 -11.19 14.71 -19.28
N ALA A 204 -12.22 13.93 -19.61
CA ALA A 204 -13.48 14.44 -20.17
C ALA A 204 -14.20 15.45 -19.26
N THR A 205 -14.09 15.25 -17.94
CA THR A 205 -14.67 16.18 -16.97
C THR A 205 -13.93 17.53 -17.00
N LEU A 206 -12.62 17.48 -17.22
CA LEU A 206 -11.80 18.68 -17.28
C LEU A 206 -11.84 19.34 -18.67
N GLY A 207 -12.41 18.63 -19.64
CA GLY A 207 -12.43 19.12 -21.01
C GLY A 207 -11.15 18.81 -21.76
N GLN A 208 -10.38 17.84 -21.26
CA GLN A 208 -9.19 17.36 -21.95
C GLN A 208 -9.52 16.10 -22.73
N SER A 209 -8.65 15.74 -23.67
CA SER A 209 -8.80 14.51 -24.45
C SER A 209 -8.49 13.28 -23.60
N GLY A 210 -9.48 12.39 -23.48
CA GLY A 210 -9.26 11.08 -22.84
C GLY A 210 -9.08 9.95 -23.85
N SER A 211 -9.00 10.32 -25.13
CA SER A 211 -8.94 9.41 -26.26
C SER A 211 -7.78 8.40 -26.17
N ALA A 212 -6.60 8.85 -25.75
CA ALA A 212 -5.47 7.93 -25.60
C ALA A 212 -5.76 6.86 -24.55
N TYR A 213 -6.39 7.28 -23.46
CA TYR A 213 -6.66 6.39 -22.32
C TYR A 213 -7.80 5.42 -22.61
N SER A 214 -8.85 5.92 -23.27
CA SER A 214 -10.00 5.09 -23.64
C SER A 214 -9.69 4.10 -24.75
N SER A 215 -8.80 4.46 -25.68
CA SER A 215 -8.45 3.53 -26.74
C SER A 215 -7.59 2.36 -26.20
N VAL A 216 -6.78 2.63 -25.18
CA VAL A 216 -5.90 1.60 -24.59
C VAL A 216 -6.59 0.75 -23.52
N ALA A 217 -7.44 1.36 -22.69
CA ALA A 217 -8.10 0.66 -21.59
C ALA A 217 -8.65 -0.74 -21.95
N PRO A 218 -9.45 -0.86 -23.02
CA PRO A 218 -10.03 -2.18 -23.27
C PRO A 218 -9.00 -3.24 -23.66
N GLN A 219 -7.86 -2.80 -24.18
CA GLN A 219 -6.77 -3.72 -24.50
C GLN A 219 -6.06 -4.24 -23.27
N VAL A 220 -5.96 -3.39 -22.22
CA VAL A 220 -5.41 -3.79 -20.93
C VAL A 220 -6.35 -4.84 -20.30
N LEU A 221 -7.65 -4.56 -20.34
CA LEU A 221 -8.65 -5.50 -19.86
C LEU A 221 -8.60 -6.81 -20.64
N CYS A 222 -8.42 -6.70 -21.96
CA CYS A 222 -8.28 -7.89 -22.82
C CYS A 222 -7.13 -8.79 -22.34
N PHE A 223 -5.96 -8.19 -22.12
CA PHE A 223 -4.79 -8.92 -21.61
C PHE A 223 -4.98 -9.51 -20.20
N LEU A 224 -5.71 -8.81 -19.34
CA LEU A 224 -6.02 -9.33 -18.00
C LEU A 224 -6.68 -10.71 -18.04
N GLN A 225 -7.40 -11.01 -19.11
CA GLN A 225 -8.08 -12.31 -19.25
C GLN A 225 -7.11 -13.49 -19.38
N ARG A 226 -5.86 -13.21 -19.75
CA ARG A 226 -4.84 -14.25 -19.96
C ARG A 226 -4.26 -14.89 -18.68
N PHE A 227 -4.51 -14.27 -17.54
CA PHE A 227 -4.00 -14.71 -16.24
C PHE A 227 -4.82 -15.89 -15.67
N TRP A 228 -6.06 -16.02 -16.14
CA TRP A 228 -6.98 -17.08 -15.71
C TRP A 228 -6.51 -18.48 -16.13
N VAL A 229 -6.43 -19.39 -15.15
CA VAL A 229 -6.10 -20.78 -15.41
C VAL A 229 -7.42 -21.57 -15.33
N SER A 230 -8.01 -21.85 -16.50
CA SER A 230 -9.31 -22.53 -16.55
C SER A 230 -9.30 -23.96 -15.99
N SER A 231 -8.23 -24.70 -16.23
CA SER A 231 -8.15 -26.09 -15.73
C SER A 231 -8.13 -26.20 -14.19
N GLY A 232 -7.70 -25.14 -13.51
CA GLY A 232 -7.59 -25.15 -12.05
C GLY A 232 -8.53 -24.18 -11.34
N GLY A 233 -9.21 -23.35 -12.12
CA GLY A 233 -10.15 -22.36 -11.57
C GLY A 233 -9.49 -21.32 -10.68
N TYR A 234 -8.33 -20.79 -11.09
CA TYR A 234 -7.67 -19.75 -10.31
C TYR A 234 -6.86 -18.79 -11.19
N VAL A 235 -6.41 -17.70 -10.60
CA VAL A 235 -5.58 -16.74 -11.33
C VAL A 235 -4.10 -17.11 -11.13
N ASP A 236 -3.40 -17.23 -12.25
CA ASP A 236 -1.94 -17.30 -12.18
C ASP A 236 -1.46 -15.85 -12.10
N SER A 237 -1.00 -15.45 -10.92
CA SER A 237 -0.81 -14.02 -10.62
C SER A 237 0.32 -13.36 -11.42
N ASN A 238 1.26 -14.17 -11.89
CA ASN A 238 2.35 -13.67 -12.74
C ASN A 238 2.57 -14.57 -13.97
N ILE A 239 2.46 -13.95 -15.14
CA ILE A 239 2.62 -14.63 -16.41
C ILE A 239 3.77 -13.94 -17.19
N ASN A 240 4.00 -14.36 -18.44
CA ASN A 240 5.15 -13.89 -19.23
C ASN A 240 6.51 -14.18 -18.58
N THR A 241 6.47 -15.18 -17.70
CA THR A 241 7.62 -15.69 -16.98
C THR A 241 7.26 -17.04 -16.38
N ASN A 242 8.27 -17.84 -16.06
CA ASN A 242 8.04 -19.01 -15.23
C ASN A 242 8.73 -18.79 -13.91
N GLU A 243 7.95 -18.39 -12.91
CA GLU A 243 8.51 -17.94 -11.65
C GLU A 243 8.79 -19.09 -10.67
N GLY A 244 8.53 -20.32 -11.09
CA GLY A 244 8.75 -21.50 -10.25
C GLY A 244 7.69 -21.63 -9.14
N ARG A 245 6.49 -21.14 -9.43
CA ARG A 245 5.35 -21.20 -8.50
C ARG A 245 4.07 -21.53 -9.25
N THR A 246 3.01 -21.88 -8.51
CA THR A 246 1.69 -22.11 -9.12
C THR A 246 1.04 -20.80 -9.60
N GLY A 247 1.42 -19.68 -8.98
CA GLY A 247 0.78 -18.40 -9.25
C GLY A 247 -0.43 -18.12 -8.35
N LYS A 248 -0.82 -19.11 -7.55
CA LYS A 248 -1.80 -18.87 -6.45
C LYS A 248 -1.16 -17.92 -5.44
N ASP A 249 -1.72 -16.72 -5.31
CA ASP A 249 -1.05 -15.59 -4.63
C ASP A 249 -2.13 -14.60 -4.19
N VAL A 250 -2.01 -14.07 -2.99
CA VAL A 250 -2.98 -13.07 -2.49
C VAL A 250 -3.04 -11.81 -3.39
N ASN A 251 -1.98 -11.60 -4.19
CA ASN A 251 -2.01 -10.72 -5.38
C ASN A 251 -3.40 -10.61 -6.04
N SER A 252 -4.00 -11.75 -6.36
CA SER A 252 -5.26 -11.80 -7.07
C SER A 252 -6.45 -11.42 -6.19
N VAL A 253 -6.39 -11.77 -4.90
CA VAL A 253 -7.42 -11.36 -3.93
C VAL A 253 -7.38 -9.86 -3.66
N LEU A 254 -6.16 -9.34 -3.47
CA LEU A 254 -5.91 -7.90 -3.37
C LEU A 254 -6.40 -7.16 -4.61
N THR A 255 -6.29 -7.78 -5.77
CA THR A 255 -6.75 -7.17 -7.02
C THR A 255 -8.29 -7.02 -6.96
N SER A 256 -8.97 -8.11 -6.60
CA SER A 256 -10.43 -8.15 -6.56
C SER A 256 -11.01 -7.01 -5.68
N ILE A 257 -10.46 -6.83 -4.49
CA ILE A 257 -10.96 -5.84 -3.52
C ILE A 257 -10.58 -4.41 -3.90
N HIS A 258 -9.44 -4.25 -4.55
CA HIS A 258 -8.97 -2.93 -4.95
C HIS A 258 -9.53 -2.38 -6.27
N THR A 259 -10.20 -3.23 -7.05
CA THR A 259 -10.91 -2.76 -8.24
C THR A 259 -12.39 -3.05 -8.10
N PHE A 260 -12.83 -3.32 -6.87
CA PHE A 260 -14.25 -3.48 -6.52
C PHE A 260 -15.08 -2.29 -6.96
N ASP A 261 -16.17 -2.57 -7.68
CA ASP A 261 -17.21 -1.59 -7.96
C ASP A 261 -18.55 -2.32 -7.99
N PRO A 262 -19.37 -2.14 -6.94
CA PRO A 262 -20.63 -2.86 -6.92
C PRO A 262 -21.53 -2.56 -8.13
N ASN A 263 -21.31 -1.44 -8.82
N ASN A 263 -21.30 -1.44 -8.82
CA ASN A 263 -22.10 -1.12 -10.02
CA ASN A 263 -22.08 -1.12 -10.02
C ASN A 263 -21.75 -2.01 -11.22
C ASN A 263 -21.88 -2.19 -11.09
N LEU A 264 -20.70 -2.81 -11.07
CA LEU A 264 -20.35 -3.85 -12.05
C LEU A 264 -20.91 -5.22 -11.67
N GLY A 265 -21.56 -5.31 -10.52
CA GLY A 265 -22.20 -6.56 -10.09
C GLY A 265 -21.16 -7.66 -9.93
N CYS A 266 -21.47 -8.84 -10.45
CA CYS A 266 -20.56 -9.97 -10.26
C CYS A 266 -19.78 -10.23 -11.54
N ASP A 267 -19.40 -9.13 -12.19
CA ASP A 267 -18.69 -9.19 -13.46
C ASP A 267 -17.32 -9.89 -13.31
N ALA A 268 -17.11 -10.92 -14.13
CA ALA A 268 -15.88 -11.73 -14.05
C ALA A 268 -14.73 -11.10 -14.85
N GLY A 269 -15.05 -10.31 -15.88
CA GLY A 269 -14.02 -9.65 -16.71
C GLY A 269 -13.09 -8.78 -15.90
N THR A 270 -13.67 -8.03 -14.97
CA THR A 270 -12.91 -7.17 -14.08
C THR A 270 -12.64 -7.86 -12.75
N PHE A 271 -13.04 -9.13 -12.64
CA PHE A 271 -12.72 -9.93 -11.46
C PHE A 271 -13.36 -9.35 -10.19
N GLN A 272 -14.62 -8.94 -10.28
CA GLN A 272 -15.35 -8.45 -9.11
C GLN A 272 -15.40 -9.50 -7.98
N PRO A 273 -15.34 -9.07 -6.70
CA PRO A 273 -15.33 -10.00 -5.57
C PRO A 273 -16.35 -11.14 -5.65
N CYS A 274 -17.59 -10.86 -6.08
CA CYS A 274 -18.63 -11.91 -6.20
C CYS A 274 -18.64 -12.64 -7.55
N SER A 275 -17.72 -12.27 -8.46
CA SER A 275 -17.68 -12.99 -9.73
C SER A 275 -17.31 -14.43 -9.49
N ASP A 276 -17.74 -15.32 -10.39
CA ASP A 276 -17.44 -16.74 -10.23
C ASP A 276 -15.94 -17.03 -10.27
N LYS A 277 -15.22 -16.33 -11.16
CA LYS A 277 -13.75 -16.47 -11.22
C LYS A 277 -13.09 -15.98 -9.93
N ALA A 278 -13.53 -14.84 -9.37
CA ALA A 278 -12.91 -14.33 -8.13
C ALA A 278 -13.14 -15.28 -6.96
N LEU A 279 -14.34 -15.85 -6.89
CA LEU A 279 -14.67 -16.77 -5.80
C LEU A 279 -13.91 -18.09 -5.90
N SER A 280 -13.94 -18.70 -7.08
CA SER A 280 -13.13 -19.89 -7.37
C SER A 280 -11.67 -19.67 -7.00
N ASN A 281 -11.12 -18.53 -7.44
CA ASN A 281 -9.74 -18.15 -7.13
C ASN A 281 -9.49 -18.04 -5.63
N LEU A 282 -10.43 -17.39 -4.93
CA LEU A 282 -10.28 -17.20 -3.51
C LEU A 282 -10.11 -18.54 -2.81
N LYS A 283 -10.99 -19.50 -3.10
CA LYS A 283 -10.90 -20.83 -2.51
C LYS A 283 -9.54 -21.50 -2.80
N VAL A 284 -9.14 -21.48 -4.05
CA VAL A 284 -7.86 -22.11 -4.42
C VAL A 284 -6.71 -21.47 -3.62
N VAL A 285 -6.68 -20.13 -3.60
CA VAL A 285 -5.63 -19.38 -2.88
C VAL A 285 -5.63 -19.71 -1.39
N VAL A 286 -6.81 -19.66 -0.77
CA VAL A 286 -6.95 -20.06 0.62
C VAL A 286 -6.45 -21.49 0.89
N ASP A 287 -6.83 -22.42 0.01
CA ASP A 287 -6.53 -23.84 0.13
C ASP A 287 -5.01 -24.07 0.15
N SER A 288 -4.28 -23.25 -0.61
CA SER A 288 -2.81 -23.32 -0.68
C SER A 288 -2.13 -23.09 0.69
N PHE A 289 -2.84 -22.46 1.64
CA PHE A 289 -2.30 -22.18 2.97
C PHE A 289 -2.85 -23.11 4.06
N ARG A 290 -3.91 -23.84 3.74
CA ARG A 290 -4.63 -24.67 4.70
C ARG A 290 -3.78 -25.75 5.37
N SER A 291 -2.88 -26.38 4.63
CA SER A 291 -2.20 -27.56 5.17
C SER A 291 -0.77 -27.29 5.66
N ILE A 292 -0.31 -26.05 5.47
CA ILE A 292 1.13 -25.78 5.53
C ILE A 292 1.56 -24.94 6.73
N TYR A 293 0.64 -24.21 7.36
CA TYR A 293 1.01 -23.36 8.51
C TYR A 293 0.60 -24.04 9.82
N GLY A 294 1.53 -24.13 10.78
CA GLY A 294 1.22 -24.57 12.15
C GLY A 294 -0.03 -23.93 12.75
N VAL A 295 -0.23 -22.63 12.56
CA VAL A 295 -1.43 -21.94 13.11
C VAL A 295 -2.76 -22.42 12.50
N ASN A 296 -2.71 -23.06 11.34
CA ASN A 296 -3.92 -23.54 10.69
C ASN A 296 -4.26 -25.00 11.00
N LYS A 297 -3.41 -25.63 11.82
CA LYS A 297 -3.58 -27.03 12.21
C LYS A 297 -4.92 -27.26 12.86
N GLY A 298 -5.60 -28.33 12.46
CA GLY A 298 -6.87 -28.69 13.05
C GLY A 298 -8.05 -27.78 12.73
N ILE A 299 -7.85 -26.78 11.86
CA ILE A 299 -8.98 -25.98 11.38
C ILE A 299 -9.61 -26.72 10.18
N PRO A 300 -10.94 -26.93 10.19
CA PRO A 300 -11.53 -27.68 9.07
C PRO A 300 -11.76 -26.84 7.81
N ALA A 301 -11.96 -27.52 6.69
CA ALA A 301 -12.49 -26.89 5.48
C ALA A 301 -13.78 -26.16 5.82
N GLY A 302 -14.02 -25.02 5.16
CA GLY A 302 -15.22 -24.21 5.45
C GLY A 302 -15.07 -23.31 6.67
N ALA A 303 -13.92 -23.37 7.33
CA ALA A 303 -13.62 -22.42 8.37
C ALA A 303 -12.41 -21.62 7.91
N ALA A 304 -12.41 -20.33 8.26
CA ALA A 304 -11.36 -19.38 7.92
C ALA A 304 -9.99 -19.80 8.46
N VAL A 305 -8.95 -19.46 7.71
CA VAL A 305 -7.58 -19.77 8.13
C VAL A 305 -6.71 -18.54 7.95
N ALA A 306 -5.55 -18.56 8.60
CA ALA A 306 -4.53 -17.54 8.40
C ALA A 306 -3.96 -17.74 7.01
N ILE A 307 -3.82 -16.64 6.26
CA ILE A 307 -3.23 -16.76 4.93
C ILE A 307 -2.09 -15.77 4.71
N GLY A 308 -1.13 -16.19 3.86
CA GLY A 308 0.05 -15.40 3.56
C GLY A 308 0.01 -14.84 2.15
N ARG A 309 1.18 -14.56 1.58
CA ARG A 309 1.22 -14.03 0.21
C ARG A 309 1.06 -15.15 -0.81
N TYR A 310 1.94 -16.15 -0.74
CA TYR A 310 1.92 -17.29 -1.65
C TYR A 310 2.60 -18.47 -0.95
N ALA A 311 2.20 -19.69 -1.29
CA ALA A 311 2.61 -20.87 -0.53
C ALA A 311 4.10 -21.15 -0.62
N GLU A 312 4.73 -20.72 -1.71
CA GLU A 312 6.17 -20.93 -1.93
C GLU A 312 7.07 -19.92 -1.19
N ASP A 313 6.46 -18.96 -0.50
CA ASP A 313 7.16 -17.88 0.19
C ASP A 313 8.19 -18.39 1.21
N VAL A 314 9.40 -17.83 1.15
CA VAL A 314 10.43 -18.12 2.15
C VAL A 314 10.86 -16.86 2.95
N TYR A 315 10.29 -15.71 2.60
CA TYR A 315 10.58 -14.46 3.31
C TYR A 315 10.17 -14.54 4.78
N TYR A 316 11.14 -14.36 5.69
CA TYR A 316 10.99 -14.61 7.13
C TYR A 316 10.49 -16.06 7.39
N ASN A 317 10.80 -16.94 6.43
CA ASN A 317 10.36 -18.36 6.36
C ASN A 317 8.98 -18.64 5.75
N GLY A 318 8.31 -17.56 5.31
CA GLY A 318 6.99 -17.68 4.67
C GLY A 318 5.93 -17.77 5.76
N ASN A 319 5.25 -16.66 6.01
CA ASN A 319 4.25 -16.60 7.09
C ASN A 319 2.93 -15.98 6.65
N PRO A 320 1.85 -16.20 7.44
CA PRO A 320 0.66 -15.39 7.23
C PRO A 320 1.00 -13.90 7.33
N TRP A 321 0.27 -13.09 6.55
CA TRP A 321 0.33 -11.64 6.66
C TRP A 321 -1.04 -11.14 7.09
N TYR A 322 -1.06 -10.11 7.94
CA TYR A 322 -2.34 -9.50 8.33
C TYR A 322 -3.14 -9.00 7.14
N LEU A 323 -2.47 -8.31 6.22
CA LEU A 323 -3.16 -7.72 5.06
C LEU A 323 -3.75 -8.78 4.13
N ALA A 324 -3.09 -9.94 4.03
CA ALA A 324 -3.59 -11.05 3.23
C ALA A 324 -4.86 -11.64 3.86
N THR A 325 -4.83 -11.83 5.18
CA THR A 325 -5.94 -12.45 5.92
C THR A 325 -7.15 -11.50 5.93
N PHE A 326 -6.85 -10.22 6.10
CA PHE A 326 -7.86 -9.15 6.00
C PHE A 326 -8.43 -9.07 4.58
N ALA A 327 -7.58 -9.27 3.57
CA ALA A 327 -8.02 -9.23 2.16
C ALA A 327 -9.10 -10.28 1.84
N ALA A 328 -8.96 -11.47 2.42
CA ALA A 328 -9.90 -12.56 2.21
C ALA A 328 -11.26 -12.19 2.81
N ALA A 329 -11.22 -11.70 4.05
CA ALA A 329 -12.43 -11.15 4.69
C ALA A 329 -13.09 -10.07 3.82
N GLU A 330 -12.28 -9.14 3.36
CA GLU A 330 -12.76 -8.03 2.54
C GLU A 330 -13.40 -8.48 1.21
N GLN A 331 -12.78 -9.42 0.50
CA GLN A 331 -13.42 -9.94 -0.72
C GLN A 331 -14.81 -10.51 -0.45
N LEU A 332 -14.94 -11.28 0.63
CA LEU A 332 -16.23 -11.84 1.03
C LEU A 332 -17.26 -10.77 1.43
N TYR A 333 -16.84 -9.75 2.17
CA TYR A 333 -17.77 -8.64 2.52
C TYR A 333 -18.27 -7.89 1.29
N ASP A 334 -17.40 -7.74 0.30
CA ASP A 334 -17.72 -7.11 -0.97
C ASP A 334 -18.73 -7.94 -1.75
N ALA A 335 -18.59 -9.27 -1.69
CA ALA A 335 -19.52 -10.17 -2.35
C ALA A 335 -20.89 -10.12 -1.68
N ILE A 336 -20.86 -10.12 -0.35
CA ILE A 336 -22.06 -10.07 0.49
C ILE A 336 -22.85 -8.81 0.18
N TYR A 337 -22.17 -7.67 0.10
CA TYR A 337 -22.75 -6.40 -0.26
C TYR A 337 -23.57 -6.48 -1.55
N VAL A 338 -22.94 -6.97 -2.62
CA VAL A 338 -23.61 -7.12 -3.90
C VAL A 338 -24.78 -8.11 -3.87
N TRP A 339 -24.61 -9.24 -3.20
CA TRP A 339 -25.69 -10.22 -3.11
C TRP A 339 -26.90 -9.63 -2.39
N LYS A 340 -26.64 -8.91 -1.29
CA LYS A 340 -27.70 -8.26 -0.52
C LYS A 340 -28.39 -7.15 -1.31
N LYS A 341 -27.59 -6.34 -2.01
CA LYS A 341 -28.12 -5.23 -2.83
C LYS A 341 -28.98 -5.73 -3.99
N THR A 342 -28.53 -6.80 -4.67
CA THR A 342 -29.24 -7.34 -5.80
C THR A 342 -30.31 -8.37 -5.40
N GLY A 343 -30.24 -8.85 -4.15
CA GLY A 343 -31.15 -9.86 -3.64
C GLY A 343 -31.10 -11.21 -4.36
N SER A 344 -29.90 -11.58 -4.80
CA SER A 344 -29.73 -12.72 -5.68
C SER A 344 -28.29 -13.21 -5.59
N ILE A 345 -28.10 -14.53 -5.47
CA ILE A 345 -26.77 -15.18 -5.56
C ILE A 345 -26.77 -16.18 -6.72
N THR A 346 -25.78 -16.07 -7.61
CA THR A 346 -25.63 -17.04 -8.68
C THR A 346 -24.42 -17.95 -8.39
N VAL A 347 -24.65 -19.26 -8.46
CA VAL A 347 -23.60 -20.24 -8.33
C VAL A 347 -23.38 -20.80 -9.73
N THR A 348 -22.12 -20.88 -10.18
CA THR A 348 -21.84 -21.45 -11.50
C THR A 348 -20.87 -22.64 -11.36
N ALA A 349 -20.64 -23.35 -12.47
CA ALA A 349 -19.67 -24.44 -12.50
C ALA A 349 -18.31 -23.96 -11.99
N THR A 350 -17.93 -22.74 -12.37
CA THR A 350 -16.65 -22.16 -11.93
C THR A 350 -16.60 -21.92 -10.43
N SER A 351 -17.67 -21.36 -9.85
CA SER A 351 -17.71 -21.03 -8.43
C SER A 351 -18.24 -22.18 -7.59
N LEU A 352 -18.63 -23.27 -8.26
CA LEU A 352 -19.16 -24.46 -7.59
C LEU A 352 -18.35 -24.92 -6.39
N ALA A 353 -17.03 -25.07 -6.56
CA ALA A 353 -16.20 -25.57 -5.47
C ALA A 353 -16.18 -24.60 -4.26
N PHE A 354 -16.15 -23.29 -4.52
CA PHE A 354 -16.14 -22.32 -3.43
C PHE A 354 -17.43 -22.46 -2.59
N PHE A 355 -18.56 -22.49 -3.29
CA PHE A 355 -19.87 -22.56 -2.60
C PHE A 355 -20.09 -23.90 -1.91
N GLN A 356 -19.69 -25.00 -2.57
CA GLN A 356 -19.81 -26.33 -1.96
C GLN A 356 -19.00 -26.55 -0.70
N GLU A 357 -17.89 -25.82 -0.54
CA GLU A 357 -17.13 -25.91 0.70
C GLU A 357 -17.96 -25.39 1.89
N LEU A 358 -18.80 -24.39 1.62
CA LEU A 358 -19.57 -23.71 2.67
C LEU A 358 -20.97 -24.28 2.84
N VAL A 359 -21.56 -24.70 1.72
CA VAL A 359 -22.85 -25.38 1.69
C VAL A 359 -22.65 -26.65 0.84
N PRO A 360 -22.15 -27.74 1.47
CA PRO A 360 -21.94 -29.00 0.80
C PRO A 360 -23.12 -29.49 -0.07
N GLY A 361 -22.81 -29.86 -1.30
CA GLY A 361 -23.79 -30.39 -2.23
C GLY A 361 -24.66 -29.39 -2.97
N VAL A 362 -24.55 -28.11 -2.65
CA VAL A 362 -25.28 -27.06 -3.35
C VAL A 362 -24.99 -27.14 -4.85
N THR A 363 -26.02 -26.95 -5.67
CA THR A 363 -25.82 -26.99 -7.12
C THR A 363 -25.70 -25.58 -7.69
N ALA A 364 -25.18 -25.51 -8.90
CA ALA A 364 -25.19 -24.27 -9.66
C ALA A 364 -26.65 -23.86 -9.90
N GLY A 365 -26.88 -22.56 -10.04
CA GLY A 365 -28.23 -21.99 -10.15
C GLY A 365 -28.25 -20.56 -9.65
N THR A 366 -29.42 -19.93 -9.75
CA THR A 366 -29.63 -18.58 -9.22
C THR A 366 -30.67 -18.64 -8.12
N TYR A 367 -30.32 -18.09 -6.96
CA TYR A 367 -31.14 -18.15 -5.76
C TYR A 367 -31.51 -16.75 -5.29
N SER A 368 -32.81 -16.48 -5.20
CA SER A 368 -33.24 -15.14 -4.81
C SER A 368 -33.20 -14.99 -3.29
N SER A 369 -33.18 -13.73 -2.83
CA SER A 369 -33.12 -13.41 -1.39
C SER A 369 -34.13 -14.13 -0.50
N SER A 370 -35.22 -14.64 -1.09
CA SER A 370 -36.25 -15.27 -0.30
C SER A 370 -36.09 -16.78 -0.19
N SER A 371 -35.23 -17.36 -1.04
CA SER A 371 -34.96 -18.80 -1.02
C SER A 371 -34.09 -19.17 0.16
N SER A 372 -34.26 -20.39 0.65
CA SER A 372 -33.49 -20.89 1.77
C SER A 372 -32.02 -21.14 1.37
N THR A 373 -31.80 -21.48 0.10
CA THR A 373 -30.42 -21.66 -0.39
C THR A 373 -29.63 -20.37 -0.24
N PHE A 374 -30.24 -19.27 -0.65
CA PHE A 374 -29.65 -17.94 -0.50
C PHE A 374 -29.29 -17.71 0.96
N THR A 375 -30.21 -18.06 1.87
CA THR A 375 -29.96 -17.88 3.30
C THR A 375 -28.82 -18.76 3.83
N ASN A 376 -28.80 -20.05 3.45
CA ASN A 376 -27.72 -20.94 3.84
C ASN A 376 -26.39 -20.30 3.37
N ILE A 377 -26.34 -19.89 2.09
CA ILE A 377 -25.10 -19.36 1.49
C ILE A 377 -24.61 -18.09 2.17
N ILE A 378 -25.48 -17.08 2.22
CA ILE A 378 -25.11 -15.80 2.77
C ILE A 378 -24.76 -15.87 4.26
N ASN A 379 -25.48 -16.69 5.02
CA ASN A 379 -25.13 -16.90 6.42
C ASN A 379 -23.74 -17.53 6.54
N ALA A 380 -23.49 -18.61 5.82
CA ALA A 380 -22.18 -19.30 5.83
C ALA A 380 -21.05 -18.37 5.39
N VAL A 381 -21.30 -17.56 4.36
CA VAL A 381 -20.24 -16.65 3.86
C VAL A 381 -19.96 -15.56 4.88
N SER A 382 -20.99 -15.04 5.54
CA SER A 382 -20.81 -14.00 6.58
C SER A 382 -20.00 -14.52 7.76
N THR A 383 -20.32 -15.74 8.20
CA THR A 383 -19.59 -16.39 9.28
C THR A 383 -18.12 -16.63 8.88
N TYR A 384 -17.92 -17.09 7.66
CA TYR A 384 -16.60 -17.33 7.09
C TYR A 384 -15.78 -16.06 7.04
N ALA A 385 -16.39 -14.98 6.54
CA ALA A 385 -15.74 -13.67 6.42
C ALA A 385 -15.31 -13.13 7.78
N ASP A 386 -16.22 -13.21 8.76
CA ASP A 386 -15.90 -12.82 10.15
C ASP A 386 -14.82 -13.74 10.72
N GLY A 387 -14.82 -14.99 10.27
CA GLY A 387 -13.80 -15.95 10.67
C GLY A 387 -12.41 -15.49 10.27
N PHE A 388 -12.28 -14.84 9.11
CA PHE A 388 -10.95 -14.35 8.66
C PHE A 388 -10.51 -13.14 9.48
N LEU A 389 -11.46 -12.24 9.77
CA LEU A 389 -11.24 -11.18 10.74
C LEU A 389 -10.79 -11.74 12.09
N SER A 390 -11.53 -12.74 12.59
CA SER A 390 -11.28 -13.35 13.90
C SER A 390 -9.96 -14.11 13.95
N GLU A 391 -9.59 -14.71 12.83
CA GLU A 391 -8.32 -15.41 12.70
C GLU A 391 -7.12 -14.47 12.85
N ALA A 392 -7.16 -13.34 12.14
CA ALA A 392 -6.14 -12.30 12.24
C ALA A 392 -6.19 -11.67 13.65
N ALA A 393 -7.39 -11.38 14.13
CA ALA A 393 -7.57 -10.85 15.50
C ALA A 393 -6.92 -11.69 16.61
N LYS A 394 -6.99 -13.03 16.49
CA LYS A 394 -6.26 -13.98 17.36
C LYS A 394 -4.79 -13.59 17.56
N TYR A 395 -4.18 -13.00 16.52
CA TYR A 395 -2.74 -12.76 16.57
C TYR A 395 -2.33 -11.28 16.57
N VAL A 396 -3.29 -10.42 16.93
CA VAL A 396 -3.04 -9.01 17.17
C VAL A 396 -2.71 -8.82 18.67
N PRO A 397 -1.56 -8.18 18.99
CA PRO A 397 -1.17 -7.93 20.38
C PRO A 397 -2.21 -7.06 21.10
N ALA A 398 -2.16 -7.05 22.43
CA ALA A 398 -3.12 -6.34 23.25
C ALA A 398 -3.18 -4.86 22.94
N ASP A 399 -2.06 -4.31 22.48
CA ASP A 399 -1.98 -2.88 22.14
C ASP A 399 -2.54 -2.57 20.74
N GLY A 400 -2.90 -3.60 19.98
CA GLY A 400 -3.48 -3.43 18.65
C GLY A 400 -2.53 -3.10 17.52
N SER A 401 -1.22 -3.22 17.78
CA SER A 401 -0.23 -3.03 16.72
C SER A 401 -0.34 -4.10 15.63
N LEU A 402 -0.14 -3.68 14.39
CA LEU A 402 -0.15 -4.56 13.24
C LEU A 402 1.19 -4.54 12.54
N ALA A 403 1.98 -5.58 12.80
CA ALA A 403 3.22 -5.80 12.04
C ALA A 403 2.84 -6.23 10.63
N GLU A 404 3.85 -6.58 9.84
CA GLU A 404 3.64 -7.10 8.51
C GLU A 404 3.14 -8.55 8.55
N GLN A 405 3.77 -9.36 9.40
CA GLN A 405 3.51 -10.80 9.42
C GLN A 405 3.23 -11.30 10.81
N PHE A 406 2.60 -12.47 10.88
CA PHE A 406 2.56 -13.21 12.15
C PHE A 406 3.07 -14.62 11.91
N ASP A 407 3.75 -15.17 12.91
CA ASP A 407 4.49 -16.42 12.75
C ASP A 407 3.63 -17.62 12.31
N ARG A 408 4.08 -18.36 11.30
CA ARG A 408 3.34 -19.51 10.75
C ARG A 408 3.05 -20.58 11.78
N ASN A 409 3.87 -20.65 12.83
CA ASN A 409 3.65 -21.63 13.90
C ASN A 409 3.00 -21.04 15.15
N SER A 410 3.62 -19.99 15.69
CA SER A 410 3.16 -19.40 16.97
C SER A 410 2.20 -18.22 16.84
N GLY A 411 2.09 -17.63 15.65
CA GLY A 411 1.28 -16.42 15.46
C GLY A 411 1.76 -15.13 16.11
N THR A 412 3.00 -15.11 16.60
CA THR A 412 3.61 -13.89 17.16
C THR A 412 4.06 -12.97 16.00
N PRO A 413 4.01 -11.64 16.20
CA PRO A 413 4.34 -10.72 15.10
C PRO A 413 5.79 -10.83 14.64
N LEU A 414 5.99 -10.79 13.32
CA LEU A 414 7.34 -10.80 12.73
C LEU A 414 7.48 -9.73 11.67
N SER A 415 8.73 -9.48 11.28
CA SER A 415 9.09 -8.50 10.26
C SER A 415 8.74 -7.06 10.68
N ALA A 416 8.50 -6.19 9.71
CA ALA A 416 8.29 -4.75 9.96
C ALA A 416 7.19 -4.45 10.97
N LEU A 417 7.50 -3.61 11.95
CA LEU A 417 6.53 -3.14 12.91
C LEU A 417 5.63 -2.06 12.28
N HIS A 418 4.39 -1.95 12.76
CA HIS A 418 3.49 -0.89 12.32
C HIS A 418 3.48 -0.70 10.79
N LEU A 419 3.22 -1.77 10.03
CA LEU A 419 3.14 -1.67 8.57
C LEU A 419 1.90 -0.87 8.19
N THR A 420 2.11 0.25 7.48
CA THR A 420 1.01 1.19 7.23
C THR A 420 -0.11 0.50 6.45
N TRP A 421 0.28 -0.33 5.49
CA TRP A 421 -0.66 -1.09 4.68
C TRP A 421 -1.50 -2.06 5.55
N SER A 422 -0.89 -2.71 6.54
CA SER A 422 -1.71 -3.53 7.48
C SER A 422 -2.88 -2.76 8.09
N TYR A 423 -2.61 -1.56 8.58
CA TYR A 423 -3.65 -0.71 9.19
C TYR A 423 -4.72 -0.37 8.17
N ALA A 424 -4.31 0.08 6.99
CA ALA A 424 -5.26 0.37 5.91
C ALA A 424 -6.08 -0.87 5.56
N SER A 425 -5.42 -2.04 5.47
CA SER A 425 -6.13 -3.28 5.14
C SER A 425 -7.18 -3.63 6.20
N PHE A 426 -6.91 -3.31 7.47
CA PHE A 426 -7.89 -3.49 8.53
C PHE A 426 -9.07 -2.54 8.32
N LEU A 427 -8.76 -1.27 8.04
CA LEU A 427 -9.76 -0.19 7.90
C LEU A 427 -10.72 -0.43 6.72
N THR A 428 -10.15 -0.82 5.58
CA THR A 428 -10.95 -1.14 4.39
C THR A 428 -11.82 -2.37 4.61
N ALA A 429 -11.24 -3.46 5.13
CA ALA A 429 -12.00 -4.70 5.32
C ALA A 429 -13.20 -4.49 6.25
N THR A 430 -12.97 -3.74 7.33
CA THR A 430 -14.05 -3.46 8.27
C THR A 430 -15.06 -2.43 7.70
N ALA A 431 -14.59 -1.45 6.94
CA ALA A 431 -15.49 -0.55 6.20
C ALA A 431 -16.49 -1.34 5.35
N ARG A 432 -15.99 -2.33 4.62
CA ARG A 432 -16.81 -3.13 3.73
C ARG A 432 -17.83 -3.98 4.48
N ARG A 433 -17.42 -4.54 5.62
CA ARG A 433 -18.33 -5.27 6.51
C ARG A 433 -19.47 -4.36 6.96
N ALA A 434 -19.15 -3.08 7.17
CA ALA A 434 -20.13 -2.07 7.57
C ALA A 434 -21.00 -1.60 6.40
N GLY A 435 -20.67 -2.05 5.19
CA GLY A 435 -21.46 -1.73 4.01
C GLY A 435 -21.11 -0.38 3.43
N ILE A 436 -19.96 0.13 3.82
CA ILE A 436 -19.42 1.37 3.29
C ILE A 436 -18.53 1.00 2.10
N VAL A 437 -18.91 1.48 0.92
CA VAL A 437 -18.18 1.15 -0.30
C VAL A 437 -17.48 2.38 -0.84
N PRO A 438 -16.44 2.19 -1.68
CA PRO A 438 -15.76 3.34 -2.26
C PRO A 438 -16.61 3.98 -3.38
N PRO A 439 -16.26 5.20 -3.82
CA PRO A 439 -16.88 5.76 -5.03
C PRO A 439 -16.71 4.84 -6.23
N SER A 440 -17.75 4.76 -7.06
CA SER A 440 -17.70 3.94 -8.26
C SER A 440 -16.68 4.49 -9.25
N TRP A 441 -15.99 3.58 -9.93
CA TRP A 441 -15.00 3.95 -10.93
C TRP A 441 -15.42 3.52 -12.34
N ALA A 442 -16.52 2.77 -12.45
CA ALA A 442 -16.89 2.12 -13.71
C ALA A 442 -18.39 1.97 -13.97
N ASN A 443 -18.75 2.00 -15.25
CA ASN A 443 -20.03 1.44 -15.71
C ASN A 443 -19.67 0.25 -16.61
N SER A 444 -20.68 -0.44 -17.16
CA SER A 444 -20.43 -1.64 -18.00
C SER A 444 -19.51 -1.42 -19.22
N SER A 445 -19.37 -0.18 -19.69
CA SER A 445 -18.37 0.10 -20.73
C SER A 445 -16.97 -0.39 -20.31
N ALA A 446 -16.62 -0.16 -19.04
CA ALA A 446 -15.28 -0.52 -18.53
C ALA A 446 -15.08 -2.03 -18.30
N SER A 447 -16.12 -2.81 -18.54
CA SER A 447 -16.04 -4.27 -18.40
C SER A 447 -16.17 -5.02 -19.74
N THR A 448 -16.41 -4.29 -20.83
CA THR A 448 -16.51 -4.89 -22.18
C THR A 448 -15.13 -5.34 -22.69
N ILE A 449 -15.01 -6.63 -22.96
CA ILE A 449 -13.75 -7.19 -23.45
C ILE A 449 -13.76 -7.28 -24.99
N PRO A 450 -12.75 -6.68 -25.66
CA PRO A 450 -12.63 -6.84 -27.12
C PRO A 450 -12.46 -8.30 -27.52
N SER A 451 -12.91 -8.62 -28.74
CA SER A 451 -12.75 -9.97 -29.28
C SER A 451 -11.28 -10.40 -29.43
N THR A 452 -10.39 -9.42 -29.65
CA THR A 452 -8.94 -9.65 -29.76
C THR A 452 -8.18 -8.66 -28.95
N CYS A 453 -7.04 -9.09 -28.42
CA CYS A 453 -6.15 -8.17 -27.70
C CYS A 453 -5.06 -7.72 -28.67
N SER A 454 -4.91 -6.43 -28.79
CA SER A 454 -3.94 -5.86 -29.74
C SER A 454 -2.63 -5.46 -29.09
N GLY A 455 -2.61 -5.33 -27.76
CA GLY A 455 -1.41 -4.88 -27.05
C GLY A 455 -1.06 -3.43 -27.39
N ALA A 456 -2.10 -2.63 -27.67
CA ALA A 456 -1.97 -1.25 -28.09
C ALA A 456 -1.40 -0.40 -26.97
N SER A 457 -0.47 0.48 -27.34
CA SER A 457 0.13 1.42 -26.40
C SER A 457 0.31 2.77 -27.11
N VAL A 458 0.50 3.82 -26.31
CA VAL A 458 0.64 5.19 -26.84
C VAL A 458 1.86 5.86 -26.19
N VAL A 459 2.78 6.35 -27.01
CA VAL A 459 3.92 7.10 -26.49
C VAL A 459 3.41 8.47 -26.04
N GLY A 460 3.65 8.79 -24.77
CA GLY A 460 3.04 9.97 -24.17
C GLY A 460 3.97 11.15 -24.02
N SER A 461 3.39 12.27 -23.63
CA SER A 461 4.18 13.46 -23.34
C SER A 461 4.29 13.65 -21.84
N TYR A 462 5.50 13.98 -21.40
CA TYR A 462 5.77 14.15 -19.99
C TYR A 462 6.36 15.51 -19.75
N SER A 463 5.76 16.23 -18.81
CA SER A 463 6.27 17.50 -18.40
C SER A 463 6.29 17.55 -16.87
N ARG A 464 7.36 18.15 -16.34
CA ARG A 464 7.47 18.42 -14.93
C ARG A 464 6.28 19.27 -14.47
N PRO A 465 5.52 18.79 -13.49
CA PRO A 465 4.48 19.64 -12.91
C PRO A 465 5.13 20.83 -12.19
N THR A 466 4.43 21.96 -12.12
CA THR A 466 5.01 23.18 -11.55
C THR A 466 4.31 23.66 -10.28
N ALA A 467 2.98 23.51 -10.23
CA ALA A 467 2.18 23.96 -9.09
C ALA A 467 2.34 23.03 -7.90
N THR A 468 2.83 23.58 -6.78
CA THR A 468 3.20 22.76 -5.63
C THR A 468 2.46 23.18 -4.36
N SER A 469 1.34 23.86 -4.53
CA SER A 469 0.58 24.36 -3.38
C SER A 469 -0.91 24.41 -3.68
N PHE A 470 -1.71 24.12 -2.67
CA PHE A 470 -3.16 24.22 -2.76
C PHE A 470 -3.61 25.53 -2.14
N PRO A 471 -4.71 26.11 -2.65
CA PRO A 471 -5.27 27.26 -1.98
C PRO A 471 -5.71 26.87 -0.57
N PRO A 472 -5.62 27.82 0.39
CA PRO A 472 -6.10 27.57 1.75
C PRO A 472 -7.62 27.41 1.82
N SER A 473 -8.08 26.72 2.87
CA SER A 473 -9.50 26.65 3.25
C SER A 473 -10.48 26.14 2.18
N GLN A 474 -10.06 25.16 1.39
CA GLN A 474 -10.94 24.56 0.37
C GLN A 474 -11.97 23.62 1.02
N THR A 475 -12.93 24.24 1.70
CA THR A 475 -13.97 23.56 2.48
C THR A 475 -15.11 23.01 1.60
N PRO A 476 -15.89 22.05 2.14
CA PRO A 476 -16.94 21.42 1.34
C PRO A 476 -18.11 22.35 1.06
N LYS A 477 -18.92 21.98 0.07
CA LYS A 477 -20.19 22.65 -0.18
C LYS A 477 -21.19 22.26 0.92
N PRO A 478 -22.22 23.11 1.18
CA PRO A 478 -23.26 22.80 2.18
C PRO A 478 -23.95 21.45 1.96
N GLY A 479 -24.48 20.88 3.05
CA GLY A 479 -25.18 19.59 2.99
C GLY A 479 -24.27 18.39 3.17
N VAL A 480 -23.09 18.44 2.55
CA VAL A 480 -22.08 17.38 2.63
C VAL A 480 -21.69 17.09 4.09
N PRO A 481 -21.82 15.80 4.53
CA PRO A 481 -21.46 15.41 5.89
C PRO A 481 -20.06 15.89 6.28
N SER A 482 -19.97 16.53 7.44
CA SER A 482 -18.77 17.25 7.83
C SER A 482 -18.45 17.02 9.31
N GLY A 483 -17.20 17.31 9.70
CA GLY A 483 -16.74 17.09 11.07
C GLY A 483 -15.44 17.80 11.39
N THR A 484 -15.11 17.88 12.68
CA THR A 484 -13.88 18.56 13.13
C THR A 484 -12.63 17.82 12.66
N PRO A 485 -11.51 18.56 12.46
CA PRO A 485 -10.27 17.92 11.99
C PRO A 485 -9.84 16.76 12.89
N TYR A 486 -9.14 15.79 12.30
CA TYR A 486 -8.66 14.63 13.07
C TYR A 486 -7.56 15.05 14.06
N THR A 487 -7.66 14.53 15.28
CA THR A 487 -6.63 14.69 16.31
C THR A 487 -6.13 13.31 16.76
N PRO A 488 -4.80 13.09 16.70
CA PRO A 488 -4.21 11.81 17.14
C PRO A 488 -4.54 11.49 18.59
N LEU A 489 -4.45 10.21 18.96
CA LEU A 489 -4.71 9.79 20.34
C LEU A 489 -3.63 10.35 21.27
N PRO A 490 -3.98 10.65 22.53
CA PRO A 490 -3.02 11.32 23.44
C PRO A 490 -1.90 10.39 23.90
N CYS A 491 -0.72 10.95 24.12
CA CYS A 491 0.34 10.25 24.86
C CYS A 491 1.05 11.21 25.81
N ALA A 492 1.93 10.65 26.64
CA ALA A 492 2.83 11.44 27.47
C ALA A 492 3.87 12.10 26.57
N THR A 493 4.43 13.23 27.03
CA THR A 493 5.51 13.94 26.33
C THR A 493 6.85 13.36 26.81
N PRO A 494 7.67 12.82 25.89
CA PRO A 494 8.85 12.08 26.32
C PRO A 494 9.93 12.99 26.88
N THR A 495 10.58 12.55 27.95
CA THR A 495 11.76 13.27 28.45
C THR A 495 12.97 12.83 27.63
N SER A 496 12.84 11.66 27.02
CA SER A 496 13.90 11.07 26.21
C SER A 496 13.36 10.56 24.88
N VAL A 497 14.13 10.74 23.81
CA VAL A 497 13.75 10.29 22.47
C VAL A 497 14.84 9.40 21.90
N ALA A 498 14.47 8.21 21.42
CA ALA A 498 15.41 7.36 20.72
C ALA A 498 15.68 7.94 19.33
N VAL A 499 16.92 8.29 19.07
CA VAL A 499 17.28 8.96 17.83
C VAL A 499 18.12 8.04 16.97
N THR A 500 17.50 7.52 15.92
CA THR A 500 18.19 6.66 15.00
C THR A 500 18.94 7.49 13.96
N PHE A 501 20.26 7.48 14.07
CA PHE A 501 21.13 8.06 13.06
C PHE A 501 21.20 7.08 11.90
N HIS A 502 21.02 7.63 10.71
CA HIS A 502 20.72 6.88 9.51
C HIS A 502 21.62 7.48 8.46
N GLU A 503 22.79 6.88 8.27
CA GLU A 503 23.85 7.50 7.48
C GLU A 503 24.18 6.72 6.21
N LEU A 504 24.34 7.46 5.11
CA LEU A 504 24.79 6.90 3.84
C LEU A 504 26.25 7.24 3.56
N VAL A 505 27.10 6.22 3.69
CA VAL A 505 28.55 6.37 3.53
C VAL A 505 29.18 5.06 3.01
N SER A 506 29.96 5.15 1.94
CA SER A 506 30.64 3.97 1.42
C SER A 506 31.95 3.71 2.19
N THR A 507 32.00 2.57 2.85
CA THR A 507 33.12 2.19 3.70
C THR A 507 33.92 1.05 3.08
N GLN A 508 35.21 0.96 3.44
CA GLN A 508 36.06 -0.15 3.02
C GLN A 508 36.04 -1.31 4.04
N PHE A 509 36.98 -2.24 3.88
CA PHE A 509 37.06 -3.46 4.68
C PHE A 509 37.25 -3.21 6.18
N GLY A 510 36.35 -3.77 6.98
CA GLY A 510 36.46 -3.74 8.44
C GLY A 510 36.10 -2.44 9.12
N GLN A 511 35.95 -1.37 8.33
CA GLN A 511 35.63 -0.04 8.85
C GLN A 511 34.25 0.00 9.51
N THR A 512 34.17 0.78 10.58
CA THR A 512 32.91 0.98 11.29
C THR A 512 32.54 2.46 11.20
N VAL A 513 31.25 2.74 11.26
CA VAL A 513 30.79 4.12 11.30
C VAL A 513 30.29 4.42 12.70
N LYS A 514 30.76 5.55 13.22
CA LYS A 514 30.36 6.04 14.53
C LYS A 514 29.85 7.46 14.40
N VAL A 515 28.95 7.86 15.30
CA VAL A 515 28.52 9.25 15.39
C VAL A 515 29.12 9.93 16.65
N ALA A 516 30.02 10.89 16.40
CA ALA A 516 30.57 11.73 17.46
C ALA A 516 29.79 13.04 17.56
N GLY A 517 29.53 13.49 18.79
CA GLY A 517 28.70 14.68 19.01
C GLY A 517 29.00 15.45 20.29
N ASN A 518 28.15 16.44 20.58
CA ASN A 518 28.35 17.39 21.67
C ASN A 518 27.77 16.94 23.01
N ALA A 519 26.65 16.23 22.95
CA ALA A 519 25.96 15.76 24.14
C ALA A 519 26.73 14.60 24.78
N ALA A 520 26.51 14.39 26.07
CA ALA A 520 27.19 13.33 26.81
C ALA A 520 26.96 11.96 26.16
N ALA A 521 25.71 11.68 25.82
CA ALA A 521 25.31 10.44 25.13
C ALA A 521 26.02 10.22 23.79
N LEU A 522 26.67 11.26 23.24
CA LEU A 522 27.45 11.13 22.00
C LEU A 522 28.95 11.24 22.23
N GLY A 523 29.35 11.39 23.50
CA GLY A 523 30.76 11.35 23.91
C GLY A 523 31.58 12.62 23.77
N ASN A 524 30.90 13.77 23.77
CA ASN A 524 31.54 15.10 23.73
C ASN A 524 32.72 15.26 22.76
N TRP A 525 32.53 14.86 21.51
CA TRP A 525 33.54 14.93 20.43
C TRP A 525 34.74 14.01 20.63
N SER A 526 34.65 13.13 21.62
CA SER A 526 35.65 12.08 21.84
C SER A 526 35.38 10.92 20.88
N THR A 527 36.38 10.64 20.06
CA THR A 527 36.33 9.60 19.04
C THR A 527 36.21 8.19 19.63
N SER A 528 36.80 7.99 20.80
CA SER A 528 36.75 6.69 21.46
C SER A 528 35.38 6.44 22.12
N ALA A 529 34.73 7.51 22.57
CA ALA A 529 33.42 7.42 23.21
C ALA A 529 32.26 7.64 22.23
N ALA A 530 32.59 7.78 20.95
CA ALA A 530 31.60 7.90 19.87
C ALA A 530 30.68 6.67 19.78
N VAL A 531 29.46 6.87 19.29
CA VAL A 531 28.46 5.80 19.21
C VAL A 531 28.55 5.06 17.89
N ALA A 532 28.79 3.74 17.97
CA ALA A 532 28.94 2.90 16.79
C ALA A 532 27.62 2.61 16.08
N LEU A 533 27.66 2.65 14.75
CA LEU A 533 26.49 2.35 13.90
C LEU A 533 26.59 0.95 13.26
N ASP A 534 25.44 0.42 12.84
CA ASP A 534 25.32 -0.91 12.22
C ASP A 534 25.61 -0.95 10.72
N ALA A 535 26.66 -1.68 10.35
CA ALA A 535 27.02 -1.94 8.94
C ALA A 535 25.94 -2.70 8.21
N VAL A 536 25.00 -3.25 8.97
CA VAL A 536 23.86 -3.96 8.43
C VAL A 536 23.05 -2.98 7.61
N ASN A 537 22.77 -3.36 6.37
CA ASN A 537 22.12 -2.53 5.34
C ASN A 537 23.06 -2.11 4.19
N TYR A 538 24.36 -2.00 4.48
CA TYR A 538 25.35 -1.66 3.46
C TYR A 538 25.16 -2.51 2.19
N ALA A 539 24.85 -1.84 1.08
CA ALA A 539 24.42 -2.50 -0.16
C ALA A 539 25.01 -1.80 -1.39
N ASP A 540 24.86 -2.43 -2.55
CA ASP A 540 25.46 -1.92 -3.79
C ASP A 540 24.85 -0.58 -4.21
N ASN A 541 25.67 0.47 -4.10
CA ASN A 541 25.25 1.85 -4.28
C ASN A 541 24.27 2.35 -3.20
N HIS A 542 24.02 1.53 -2.16
CA HIS A 542 23.22 1.95 -0.99
C HIS A 542 23.87 1.55 0.35
N PRO A 543 24.92 2.29 0.73
CA PRO A 543 25.74 1.96 1.87
C PRO A 543 25.20 2.58 3.17
N LEU A 544 24.29 1.87 3.84
CA LEU A 544 23.53 2.40 4.97
C LEU A 544 23.96 1.89 6.35
N TRP A 545 23.99 2.81 7.32
CA TRP A 545 24.38 2.53 8.70
C TRP A 545 23.39 3.18 9.66
N ILE A 546 22.90 2.42 10.64
CA ILE A 546 22.04 3.02 11.67
C ILE A 546 22.50 2.78 13.12
N GLY A 547 22.33 3.82 13.94
CA GLY A 547 22.62 3.77 15.37
C GLY A 547 21.55 4.53 16.11
N THR A 548 21.06 3.97 17.21
CA THR A 548 20.03 4.61 17.99
C THR A 548 20.52 5.01 19.38
N VAL A 549 20.58 6.33 19.62
CA VAL A 549 20.94 6.88 20.93
C VAL A 549 19.71 7.55 21.55
N ASN A 550 19.53 7.38 22.87
CA ASN A 550 18.54 8.16 23.60
C ASN A 550 19.09 9.56 23.93
N LEU A 551 18.46 10.58 23.36
CA LEU A 551 18.85 11.96 23.63
C LEU A 551 17.65 12.67 24.24
N GLU A 552 17.91 13.63 25.12
CA GLU A 552 16.81 14.36 25.80
C GLU A 552 15.91 15.12 24.83
N ALA A 553 14.60 15.09 25.10
CA ALA A 553 13.61 15.76 24.26
C ALA A 553 13.69 17.29 24.38
N GLY A 554 14.10 17.93 23.29
CA GLY A 554 14.25 19.39 23.25
C GLY A 554 15.69 19.82 23.10
N ASP A 555 16.61 18.87 23.28
CA ASP A 555 18.03 19.16 23.23
C ASP A 555 18.45 19.39 21.79
N VAL A 556 19.26 20.41 21.59
CA VAL A 556 19.85 20.71 20.29
C VAL A 556 21.21 20.04 20.29
N VAL A 557 21.48 19.30 19.22
CA VAL A 557 22.63 18.43 19.14
C VAL A 557 23.48 18.75 17.93
N GLU A 558 24.79 18.82 18.14
CA GLU A 558 25.75 18.95 17.07
C GLU A 558 26.54 17.65 16.96
N TYR A 559 26.71 17.18 15.73
CA TYR A 559 27.39 15.90 15.52
C TYR A 559 28.11 15.83 14.18
N LYS A 560 29.06 14.90 14.09
CA LYS A 560 29.66 14.49 12.83
C LYS A 560 29.74 12.98 12.80
N TYR A 561 29.57 12.40 11.62
CA TYR A 561 29.83 10.98 11.47
C TYR A 561 31.33 10.77 11.31
N ILE A 562 31.84 9.79 12.05
CA ILE A 562 33.24 9.38 11.90
C ILE A 562 33.35 7.98 11.32
N ASN A 563 34.27 7.86 10.39
CA ASN A 563 34.67 6.62 9.78
C ASN A 563 35.82 6.02 10.60
N VAL A 564 35.48 5.03 11.42
CA VAL A 564 36.49 4.40 12.30
C VAL A 564 36.93 3.07 11.71
N GLY A 565 38.17 3.03 11.23
CA GLY A 565 38.77 1.81 10.71
C GLY A 565 38.88 0.73 11.77
N GLN A 566 39.15 -0.49 11.32
CA GLN A 566 39.45 -1.63 12.19
C GLN A 566 40.58 -1.26 13.18
N ASP A 567 41.60 -0.57 12.67
CA ASP A 567 42.75 -0.12 13.47
C ASP A 567 42.45 0.97 14.49
N GLY A 568 41.17 1.27 14.70
CA GLY A 568 40.76 2.33 15.61
C GLY A 568 41.11 3.74 15.16
N SER A 569 41.48 3.89 13.89
CA SER A 569 41.76 5.21 13.32
C SER A 569 40.45 5.94 12.98
N VAL A 570 40.52 7.27 13.03
CA VAL A 570 39.36 8.12 12.78
C VAL A 570 39.59 9.07 11.61
N THR A 571 38.64 9.06 10.68
CA THR A 571 38.52 10.11 9.68
C THR A 571 37.19 10.84 9.94
N TRP A 572 37.23 12.16 9.84
CA TRP A 572 36.07 12.99 10.12
C TRP A 572 35.40 13.39 8.81
N GLU A 573 34.07 13.38 8.79
CA GLU A 573 33.35 13.94 7.67
C GLU A 573 33.59 15.45 7.62
N SER A 574 33.60 16.00 6.41
CA SER A 574 33.83 17.43 6.21
C SER A 574 32.86 18.31 7.01
N ASP A 575 33.25 19.57 7.21
CA ASP A 575 32.37 20.57 7.81
C ASP A 575 31.23 20.88 6.85
N PRO A 576 30.08 21.37 7.36
CA PRO A 576 29.84 21.78 8.75
C PRO A 576 29.39 20.65 9.66
N ASN A 577 29.44 20.92 10.96
CA ASN A 577 28.77 20.09 11.94
C ASN A 577 27.30 19.98 11.57
N HIS A 578 26.71 18.83 11.84
CA HIS A 578 25.26 18.71 11.72
C HIS A 578 24.66 19.37 12.93
N THR A 579 23.45 19.90 12.78
CA THR A 579 22.70 20.45 13.89
C THR A 579 21.29 19.91 13.82
N TYR A 580 20.91 19.18 14.87
CA TYR A 580 19.61 18.56 14.93
C TYR A 580 18.96 18.90 16.25
N THR A 581 17.70 19.27 16.19
CA THR A 581 16.91 19.50 17.37
C THR A 581 16.09 18.26 17.64
N VAL A 582 16.39 17.60 18.75
CA VAL A 582 15.63 16.44 19.21
C VAL A 582 14.23 16.93 19.59
N PRO A 583 13.17 16.37 18.96
CA PRO A 583 11.81 16.82 19.23
C PRO A 583 11.34 16.62 20.68
N ALA A 584 10.41 17.47 21.09
CA ALA A 584 9.69 17.30 22.35
C ALA A 584 8.19 17.43 22.07
N VAL A 585 7.65 16.42 21.39
CA VAL A 585 6.23 16.38 21.02
C VAL A 585 5.59 15.14 21.63
N ALA A 586 4.34 15.27 22.08
CA ALA A 586 3.56 14.13 22.58
C ALA A 586 3.57 12.99 21.56
N CYS A 587 3.86 11.78 22.04
CA CYS A 587 3.86 10.52 21.26
C CYS A 587 5.10 10.27 20.41
N VAL A 588 5.99 11.26 20.33
CA VAL A 588 7.18 11.12 19.50
C VAL A 588 8.36 10.61 20.35
N THR A 589 8.54 9.29 20.34
CA THR A 589 9.55 8.62 21.19
C THR A 589 10.73 8.07 20.40
N GLN A 590 10.56 7.97 19.08
CA GLN A 590 11.64 7.49 18.24
C GLN A 590 11.60 8.20 16.90
N VAL A 591 12.75 8.75 16.52
CA VAL A 591 12.87 9.49 15.27
C VAL A 591 14.05 8.94 14.51
N VAL A 592 14.06 9.20 13.21
CA VAL A 592 15.15 8.80 12.35
C VAL A 592 15.74 10.05 11.74
N LYS A 593 17.04 10.25 11.93
CA LYS A 593 17.75 11.36 11.31
C LYS A 593 18.56 10.86 10.13
N GLU A 594 18.05 11.15 8.93
CA GLU A 594 18.61 10.65 7.68
C GLU A 594 19.66 11.59 7.13
N ASP A 595 20.87 11.07 6.94
CA ASP A 595 22.02 11.84 6.51
C ASP A 595 22.79 11.15 5.39
N THR A 596 23.56 11.94 4.66
CA THR A 596 24.54 11.45 3.69
C THR A 596 25.89 12.03 4.08
N TRP A 597 26.94 11.25 3.88
CA TRP A 597 28.30 11.62 4.26
C TRP A 597 28.82 12.83 3.49
N GLN A 598 29.42 13.76 4.23
CA GLN A 598 29.91 15.02 3.69
C GLN A 598 31.37 14.91 3.30
N SER A 599 31.62 14.83 1.99
CA SER A 599 32.96 14.73 1.46
C SER A 599 33.63 16.09 1.43
C1 NAG B . 1.35 -7.28 -24.50
C2 NAG B . 1.74 -8.44 -23.57
C3 NAG B . 1.63 -9.79 -24.28
C4 NAG B . 0.28 -9.97 -24.98
C5 NAG B . -0.19 -8.69 -25.72
C6 NAG B . -1.70 -8.77 -26.06
C7 NAG B . 3.26 -7.64 -21.80
C8 NAG B . 4.66 -7.68 -21.29
N2 NAG B . 3.06 -8.24 -22.98
O3 NAG B . 1.81 -10.87 -23.40
O4 NAG B . 0.40 -11.01 -25.92
O5 NAG B . 0.04 -7.51 -25.00
O6 NAG B . -2.41 -8.79 -24.80
O7 NAG B . 2.36 -7.07 -21.14
C1 NAG B . -0.34 -12.17 -25.47
C2 NAG B . -0.66 -13.04 -26.68
C3 NAG B . -1.25 -14.40 -26.30
C4 NAG B . -0.50 -15.05 -25.15
C5 NAG B . -0.37 -14.04 -24.01
C6 NAG B . 0.37 -14.56 -22.78
C7 NAG B . -1.34 -11.82 -28.68
C8 NAG B . -2.50 -11.28 -29.45
N2 NAG B . -1.62 -12.35 -27.50
O3 NAG B . -1.23 -15.21 -27.47
O4 NAG B . -1.13 -16.27 -24.76
O5 NAG B . 0.33 -12.90 -24.49
O6 NAG B . 1.75 -14.75 -23.08
O7 NAG B . -0.20 -11.75 -29.13
C1 MAN C . 5.68 24.35 -3.82
C2 MAN C . 5.21 25.80 -3.66
C3 MAN C . 5.88 26.73 -4.67
C4 MAN C . 7.39 26.50 -4.80
C5 MAN C . 7.73 24.99 -4.90
C6 MAN C . 9.23 24.71 -4.81
O2 MAN C . 5.45 26.23 -2.35
O3 MAN C . 5.59 28.06 -4.30
O4 MAN C . 7.88 27.17 -5.92
O5 MAN C . 7.11 24.28 -3.85
O6 MAN C . 9.61 23.82 -5.85
C1 MAN D . 16.40 22.69 15.84
C2 MAN D . 17.70 23.28 15.28
C3 MAN D . 18.33 24.32 16.20
C4 MAN D . 17.32 25.28 16.83
C5 MAN D . 16.04 24.56 17.28
C6 MAN D . 15.00 25.59 17.72
O2 MAN D . 17.46 23.84 14.01
O3 MAN D . 19.30 25.07 15.48
O4 MAN D . 17.90 25.91 17.95
O5 MAN D . 15.52 23.73 16.24
O6 MAN D . 13.77 25.31 17.11
C1 MAN E . 8.67 5.13 21.38
C2 MAN E . 8.50 4.36 20.05
C3 MAN E . 7.03 4.38 19.60
C4 MAN E . 6.07 4.01 20.71
C5 MAN E . 6.39 4.77 22.00
C6 MAN E . 5.52 4.32 23.17
O2 MAN E . 8.95 3.02 20.17
O3 MAN E . 6.83 3.53 18.48
O4 MAN E . 4.79 4.36 20.27
O5 MAN E . 7.76 4.62 22.34
O6 MAN E . 5.92 3.04 23.60
C1 MAN F . 24.51 23.10 12.79
C2 MAN F . 25.96 23.36 13.14
C3 MAN F . 26.12 24.50 14.17
C4 MAN F . 25.21 25.72 13.89
C5 MAN F . 23.81 25.27 13.45
C6 MAN F . 22.91 26.42 13.00
O2 MAN F . 26.66 23.65 11.95
O3 MAN F . 27.47 24.89 14.24
O4 MAN F . 25.09 26.52 15.04
O5 MAN F . 23.90 24.31 12.41
O6 MAN F . 21.62 26.22 13.54
C1 BTB G . 5.06 -3.63 1.52
O1 BTB G . 5.62 -2.54 2.27
C2 BTB G . 5.94 -4.07 0.35
C3 BTB G . 5.17 -5.12 -0.46
O3 BTB G . 6.05 -5.69 -1.45
C4 BTB G . 6.25 -2.87 -0.55
O4 BTB G . 5.04 -2.44 -1.20
N BTB G . 7.23 -4.70 0.82
C5 BTB G . 7.02 -5.78 1.81
C6 BTB G . 7.73 -7.10 1.45
O6 BTB G . 7.12 -7.71 0.31
C7 BTB G . 8.21 -3.70 1.36
C8 BTB G . 9.67 -4.18 1.31
O8 BTB G . 9.90 -5.10 0.25
CA CA H . 2.97 -17.96 -13.23
#